data_4R75
#
_entry.id   4R75
#
_cell.length_a   47.405
_cell.length_b   59.895
_cell.length_c   106.014
_cell.angle_alpha   90.00
_cell.angle_beta   90.00
_cell.angle_gamma   90.00
#
_symmetry.space_group_name_H-M   'P 21 21 21'
#
loop_
_entity.id
_entity.type
_entity.pdbx_description
1 polymer 'ABC-type Fe3+ transport system, periplasmic component'
2 non-polymer 1-C-(hydroxymethyl)-6-O-phosphono-beta-D-altrofuranose
3 non-polymer GLYCEROL
4 non-polymer 'TRIETHYLENE GLYCOL'
5 water water
#
_entity_poly.entity_id   1
_entity_poly.type   'polypeptide(L)'
_entity_poly.pdbx_seq_one_letter_code
;GSKGRLVIYCSATNVMCENAAKTFEQKYDVKTSFIRNGSGSTFAKIEAEKNNPQADVWYGGTLDPQSQAGELGLLEAYRS
PNIDQIMPKFQDPAKVKGNLSSAVYIGILGFAVNTERLKKLGIEKIPQCWNDLTDPKLKGEIQIADPQSSGTAYTAIATF
AQLWGEDKAFDYFKHLHPNISQYTKSGITPARNAARGETTVGIGFLHDYALEKEQGAPLEMVVPCEGTGYELGGVSILKG
ARNLDNAKLFVDFALSKEGQETAWKKGQALQTLTNTTAEQSPLAFDLTKLKLIDYDFEKYGASDERKRLINKWVDEIKLA
K
;
_entity_poly.pdbx_strand_id   A
#
# COMPACT_ATOMS: atom_id res chain seq x y z
N LYS A 3 -8.52 12.48 27.00
CA LYS A 3 -7.64 13.59 26.63
C LYS A 3 -6.18 13.17 26.46
N GLY A 4 -5.28 14.15 26.46
CA GLY A 4 -3.90 13.90 26.12
C GLY A 4 -3.69 14.04 24.63
N ARG A 5 -2.67 13.37 24.10
CA ARG A 5 -2.26 13.57 22.72
C ARG A 5 -1.99 12.26 22.00
N LEU A 6 -1.84 12.36 20.68
CA LEU A 6 -1.45 11.22 19.86
C LEU A 6 -0.64 11.73 18.68
N VAL A 7 0.48 11.06 18.41
CA VAL A 7 1.33 11.36 17.27
C VAL A 7 1.35 10.16 16.31
N ILE A 8 0.93 10.40 15.07
CA ILE A 8 0.80 9.33 14.08
C ILE A 8 1.84 9.45 12.98
N TYR A 9 2.52 8.36 12.67
CA TYR A 9 3.24 8.24 11.41
C TYR A 9 2.27 7.60 10.43
N CYS A 10 1.77 8.38 9.48
CA CYS A 10 0.78 7.89 8.54
C CYS A 10 1.43 7.56 7.20
N SER A 11 1.00 6.47 6.57
CA SER A 11 1.56 6.08 5.27
C SER A 11 0.48 5.97 4.20
N ALA A 12 -0.76 6.29 4.53
CA ALA A 12 -1.81 6.42 3.53
C ALA A 12 -1.67 7.79 2.85
N THR A 13 -2.58 8.12 1.95
CA THR A 13 -2.52 9.42 1.29
C THR A 13 -2.83 10.51 2.31
N ASN A 14 -2.35 11.73 2.05
CA ASN A 14 -2.52 12.81 2.99
C ASN A 14 -3.98 13.06 3.37
N VAL A 15 -4.87 13.06 2.38
N VAL A 15 -4.86 13.04 2.38
CA VAL A 15 -6.28 13.30 2.64
CA VAL A 15 -6.28 13.30 2.62
C VAL A 15 -6.83 12.27 3.61
C VAL A 15 -6.90 12.26 3.54
N MET A 16 -6.47 11.01 3.42
CA MET A 16 -6.97 9.95 4.28
CA MET A 16 -6.95 9.93 4.26
C MET A 16 -6.42 10.11 5.69
N CYS A 17 -5.12 10.40 5.80
CA CYS A 17 -4.46 10.62 7.08
C CYS A 17 -5.12 11.76 7.84
N GLU A 18 -5.36 12.88 7.14
CA GLU A 18 -5.91 14.07 7.78
C GLU A 18 -7.32 13.79 8.29
N ASN A 19 -8.13 13.13 7.46
CA ASN A 19 -9.49 12.80 7.89
C ASN A 19 -9.51 11.85 9.08
N ALA A 20 -8.60 10.86 9.10
CA ALA A 20 -8.54 9.92 10.20
C ALA A 20 -8.14 10.64 11.48
N ALA A 21 -7.13 11.48 11.39
CA ALA A 21 -6.64 12.22 12.54
C ALA A 21 -7.72 13.16 13.10
N LYS A 22 -8.38 13.90 12.21
CA LYS A 22 -9.41 14.84 12.62
CA LYS A 22 -9.43 14.84 12.59
C LYS A 22 -10.60 14.11 13.23
N THR A 23 -11.04 13.04 12.59
N THR A 23 -11.03 13.03 12.60
N THR A 23 -11.08 13.06 12.58
CA THR A 23 -12.19 12.28 13.06
CA THR A 23 -12.19 12.27 13.07
CA THR A 23 -12.22 12.32 13.11
C THR A 23 -11.92 11.65 14.44
C THR A 23 -11.92 11.66 14.45
C THR A 23 -11.90 11.70 14.47
N PHE A 24 -10.72 11.12 14.62
CA PHE A 24 -10.31 10.54 15.89
C PHE A 24 -10.28 11.59 17.00
N GLU A 25 -9.65 12.73 16.71
CA GLU A 25 -9.59 13.80 17.70
C GLU A 25 -10.99 14.29 18.08
N GLN A 26 -11.87 14.44 17.10
CA GLN A 26 -13.23 14.89 17.38
C GLN A 26 -13.95 13.89 18.28
N LYS A 27 -13.78 12.60 18.00
CA LYS A 27 -14.49 11.55 18.73
C LYS A 27 -14.03 11.41 20.18
N TYR A 28 -12.72 11.43 20.40
CA TYR A 28 -12.16 11.11 21.71
C TYR A 28 -11.53 12.27 22.45
N ASP A 29 -11.56 13.46 21.86
CA ASP A 29 -10.97 14.64 22.48
C ASP A 29 -9.48 14.42 22.77
N VAL A 30 -8.79 13.80 21.83
CA VAL A 30 -7.34 13.61 21.91
C VAL A 30 -6.65 14.49 20.88
N LYS A 31 -5.69 15.31 21.33
CA LYS A 31 -4.96 16.19 20.42
C LYS A 31 -4.09 15.35 19.49
N THR A 32 -4.47 15.27 18.23
CA THR A 32 -3.85 14.32 17.31
CA THR A 32 -3.81 14.24 17.30
C THR A 32 -3.15 14.99 16.14
N SER A 33 -1.91 14.54 15.88
CA SER A 33 -1.14 15.06 14.76
C SER A 33 -0.59 13.90 13.94
N PHE A 34 -0.20 14.17 12.70
CA PHE A 34 0.45 13.15 11.89
C PHE A 34 1.52 13.74 10.97
N ILE A 35 2.45 12.88 10.58
CA ILE A 35 3.40 13.15 9.51
C ILE A 35 3.27 12.00 8.52
N ARG A 36 3.17 12.33 7.24
CA ARG A 36 3.04 11.31 6.20
C ARG A 36 4.35 11.01 5.49
N ASN A 37 4.68 9.72 5.41
CA ASN A 37 5.71 9.20 4.52
C ASN A 37 5.21 7.84 4.02
N GLY A 38 5.72 7.38 2.89
CA GLY A 38 5.35 6.06 2.39
C GLY A 38 5.73 4.97 3.37
N SER A 39 5.27 3.76 3.12
CA SER A 39 5.54 2.67 4.07
C SER A 39 7.02 2.28 4.08
N GLY A 40 7.69 2.37 2.94
CA GLY A 40 9.11 2.07 2.90
C GLY A 40 9.91 3.08 3.71
N SER A 41 9.69 4.36 3.45
N SER A 41 9.66 4.36 3.48
N SER A 41 9.68 4.35 3.44
CA SER A 41 10.40 5.41 4.18
CA SER A 41 10.39 5.43 4.15
CA SER A 41 10.38 5.41 4.17
C SER A 41 10.09 5.35 5.67
C SER A 41 9.97 5.66 5.61
C SER A 41 10.09 5.33 5.66
N THR A 42 8.82 5.12 6.00
CA THR A 42 8.41 5.13 7.39
C THR A 42 9.12 4.04 8.16
N PHE A 43 9.27 2.87 7.55
CA PHE A 43 10.05 1.82 8.19
C PHE A 43 11.46 2.29 8.49
N ALA A 44 12.10 2.93 7.51
CA ALA A 44 13.49 3.37 7.66
C ALA A 44 13.61 4.34 8.83
N LYS A 45 12.64 5.24 8.94
CA LYS A 45 12.58 6.27 9.98
CA LYS A 45 12.69 6.24 9.99
C LYS A 45 12.39 5.63 11.36
N ILE A 46 11.42 4.74 11.46
CA ILE A 46 11.12 4.10 12.73
C ILE A 46 12.33 3.30 13.22
N GLU A 47 12.97 2.56 12.32
CA GLU A 47 14.17 1.81 12.64
C GLU A 47 15.28 2.77 13.12
N ALA A 48 15.50 3.84 12.37
CA ALA A 48 16.54 4.79 12.72
C ALA A 48 16.31 5.41 14.09
N GLU A 49 15.04 5.56 14.48
CA GLU A 49 14.67 6.26 15.70
C GLU A 49 14.41 5.31 16.87
N LYS A 50 14.81 4.08 16.73
CA LYS A 50 14.45 3.05 17.64
C LYS A 50 14.85 3.33 19.11
N ASN A 51 15.97 3.99 19.29
CA ASN A 51 16.46 4.27 20.63
C ASN A 51 15.74 5.43 21.31
N ASN A 52 14.98 6.18 20.53
CA ASN A 52 14.16 7.27 21.06
C ASN A 52 12.98 7.56 20.14
N PRO A 53 11.97 6.68 20.17
CA PRO A 53 10.88 6.76 19.19
C PRO A 53 10.14 8.10 19.19
N GLN A 54 9.69 8.53 18.01
CA GLN A 54 9.17 9.88 17.82
C GLN A 54 7.68 9.93 17.49
N ALA A 55 7.03 8.76 17.53
CA ALA A 55 5.60 8.69 17.26
C ALA A 55 5.00 7.58 18.10
N ASP A 56 3.67 7.52 18.12
CA ASP A 56 2.95 6.53 18.92
C ASP A 56 2.46 5.36 18.07
N VAL A 57 1.98 5.67 16.88
N VAL A 57 1.98 5.68 16.88
CA VAL A 57 1.34 4.66 16.06
CA VAL A 57 1.33 4.67 16.04
C VAL A 57 1.64 4.90 14.58
C VAL A 57 1.69 4.90 14.59
N TRP A 58 1.72 3.82 13.82
CA TRP A 58 1.99 3.83 12.38
C TRP A 58 0.67 3.41 11.74
N TYR A 59 0.08 4.31 10.96
CA TYR A 59 -1.24 4.09 10.39
C TYR A 59 -1.20 4.08 8.88
N GLY A 60 -1.71 3.01 8.29
CA GLY A 60 -1.73 2.88 6.84
C GLY A 60 -0.39 2.49 6.28
N GLY A 61 -0.34 2.31 4.96
CA GLY A 61 0.87 1.83 4.29
C GLY A 61 0.89 0.32 4.20
N THR A 62 1.64 -0.20 3.23
CA THR A 62 1.72 -1.64 3.03
C THR A 62 2.17 -2.35 4.29
N LEU A 63 1.68 -3.56 4.46
CA LEU A 63 1.94 -4.29 5.71
C LEU A 63 3.36 -4.84 5.84
N ASP A 64 4.02 -5.13 4.72
CA ASP A 64 5.29 -5.86 4.79
C ASP A 64 6.29 -5.14 5.68
N PRO A 65 6.46 -3.83 5.49
CA PRO A 65 7.44 -3.13 6.34
C PRO A 65 7.00 -3.06 7.80
N GLN A 66 5.70 -3.10 8.06
CA GLN A 66 5.22 -3.15 9.45
C GLN A 66 5.53 -4.51 10.07
N SER A 67 5.29 -5.57 9.32
CA SER A 67 5.64 -6.92 9.76
C SER A 67 7.14 -7.03 10.02
N GLN A 68 7.94 -6.41 9.16
CA GLN A 68 9.38 -6.41 9.33
C GLN A 68 9.74 -5.69 10.62
N ALA A 69 9.10 -4.55 10.86
CA ALA A 69 9.34 -3.79 12.09
C ALA A 69 8.96 -4.62 13.32
N GLY A 70 7.88 -5.39 13.22
CA GLY A 70 7.48 -6.27 14.30
C GLY A 70 8.53 -7.31 14.62
N GLU A 71 9.07 -7.94 13.57
CA GLU A 71 10.11 -8.96 13.70
C GLU A 71 11.33 -8.35 14.39
N LEU A 72 11.60 -7.08 14.09
CA LEU A 72 12.80 -6.41 14.57
C LEU A 72 12.63 -5.74 15.95
N GLY A 73 11.49 -5.98 16.59
CA GLY A 73 11.25 -5.48 17.92
C GLY A 73 10.95 -3.99 18.00
N LEU A 74 10.43 -3.42 16.92
CA LEU A 74 10.15 -1.99 16.85
C LEU A 74 8.71 -1.64 17.26
N LEU A 75 7.89 -2.66 17.49
CA LEU A 75 6.47 -2.46 17.72
C LEU A 75 6.05 -2.94 19.10
N GLU A 76 4.82 -2.62 19.47
CA GLU A 76 4.26 -2.96 20.76
C GLU A 76 2.94 -3.69 20.54
N ALA A 77 2.85 -4.94 20.98
CA ALA A 77 1.66 -5.75 20.73
C ALA A 77 0.40 -5.21 21.38
N TYR A 78 -0.71 -5.25 20.65
CA TYR A 78 -2.01 -4.91 21.21
C TYR A 78 -3.12 -5.47 20.32
N ARG A 79 -3.94 -6.34 20.89
CA ARG A 79 -5.07 -6.92 20.14
C ARG A 79 -6.36 -6.18 20.48
N SER A 80 -6.85 -5.37 19.54
CA SER A 80 -8.10 -4.67 19.74
C SER A 80 -9.26 -5.66 19.78
N PRO A 81 -10.27 -5.38 20.63
CA PRO A 81 -11.48 -6.21 20.53
C PRO A 81 -12.10 -6.18 19.13
N ASN A 82 -11.85 -5.11 18.37
CA ASN A 82 -12.36 -5.03 17.00
C ASN A 82 -11.76 -6.04 16.03
N ILE A 83 -10.65 -6.67 16.43
CA ILE A 83 -10.07 -7.74 15.62
C ILE A 83 -11.11 -8.81 15.28
N ASP A 84 -12.07 -9.06 16.17
CA ASP A 84 -13.07 -10.09 15.88
C ASP A 84 -13.95 -9.77 14.68
N GLN A 85 -13.97 -8.49 14.27
CA GLN A 85 -14.81 -8.07 13.16
C GLN A 85 -14.03 -8.08 11.85
N ILE A 86 -12.71 -8.27 11.94
CA ILE A 86 -11.85 -8.23 10.76
C ILE A 86 -11.94 -9.55 10.00
N MET A 87 -11.84 -9.51 8.67
CA MET A 87 -11.79 -10.73 7.88
C MET A 87 -10.83 -11.71 8.54
N PRO A 88 -11.30 -12.92 8.87
CA PRO A 88 -10.47 -13.80 9.70
C PRO A 88 -9.05 -14.02 9.19
N LYS A 89 -8.86 -14.28 7.90
CA LYS A 89 -7.50 -14.52 7.39
C LYS A 89 -6.60 -13.28 7.49
N PHE A 90 -7.20 -12.12 7.76
CA PHE A 90 -6.42 -10.89 7.93
C PHE A 90 -6.39 -10.40 9.39
N GLN A 91 -6.85 -11.22 10.34
CA GLN A 91 -6.91 -10.79 11.74
C GLN A 91 -5.54 -10.63 12.39
N ASP A 92 -4.60 -11.53 12.09
CA ASP A 92 -3.27 -11.46 12.66
C ASP A 92 -2.30 -12.01 11.62
N PRO A 93 -2.10 -11.27 10.51
CA PRO A 93 -1.45 -11.82 9.32
C PRO A 93 0.07 -11.67 9.26
N ALA A 94 0.67 -10.88 10.14
CA ALA A 94 2.09 -10.59 10.04
C ALA A 94 2.96 -11.75 10.52
N LYS A 95 4.27 -11.60 10.36
CA LYS A 95 5.21 -12.66 10.69
C LYS A 95 5.20 -13.02 12.17
N VAL A 96 5.31 -12.00 13.02
CA VAL A 96 5.22 -12.22 14.45
C VAL A 96 3.77 -12.05 14.90
N LYS A 97 3.18 -13.13 15.39
CA LYS A 97 1.77 -13.10 15.81
C LYS A 97 1.61 -12.38 17.14
N GLY A 98 0.37 -12.05 17.48
CA GLY A 98 0.09 -11.27 18.67
C GLY A 98 -0.37 -9.85 18.38
N ASN A 99 -0.66 -9.56 17.11
CA ASN A 99 -1.14 -8.23 16.74
C ASN A 99 -0.21 -7.10 17.12
N LEU A 100 1.05 -7.29 16.76
CA LEU A 100 1.98 -6.17 16.70
CA LEU A 100 1.99 -6.18 16.69
C LEU A 100 1.56 -5.27 15.54
N SER A 101 0.96 -5.87 14.52
CA SER A 101 0.37 -5.12 13.39
C SER A 101 -1.00 -5.73 13.11
N SER A 102 -1.92 -4.87 12.66
CA SER A 102 -3.26 -5.29 12.27
C SER A 102 -3.58 -4.74 10.90
N ALA A 103 -4.57 -5.32 10.24
CA ALA A 103 -4.90 -4.98 8.85
C ALA A 103 -6.13 -4.09 8.76
N VAL A 104 -5.95 -2.91 8.17
CA VAL A 104 -7.03 -1.92 8.08
C VAL A 104 -7.68 -1.75 6.71
N TYR A 105 -7.00 -2.21 5.66
CA TYR A 105 -7.59 -2.20 4.33
C TYR A 105 -6.85 -3.15 3.38
N ILE A 106 -7.42 -3.35 2.19
CA ILE A 106 -6.77 -4.14 1.16
C ILE A 106 -6.65 -3.24 -0.07
N GLY A 107 -5.49 -3.31 -0.74
CA GLY A 107 -5.26 -2.56 -1.97
C GLY A 107 -4.87 -3.51 -3.08
N ILE A 108 -5.55 -3.44 -4.22
CA ILE A 108 -5.28 -4.38 -5.31
C ILE A 108 -4.12 -3.91 -6.18
N LEU A 109 -3.13 -4.78 -6.39
CA LEU A 109 -2.04 -4.44 -7.30
C LEU A 109 -2.52 -4.55 -8.74
N GLY A 110 -2.25 -3.53 -9.54
CA GLY A 110 -2.56 -3.59 -10.95
C GLY A 110 -1.88 -2.50 -11.72
N PHE A 111 -2.43 -2.14 -12.87
CA PHE A 111 -1.96 -0.95 -13.56
C PHE A 111 -3.12 -0.19 -14.16
N ALA A 112 -2.88 1.07 -14.49
CA ALA A 112 -3.89 1.83 -15.24
C ALA A 112 -3.23 2.50 -16.42
N VAL A 113 -4.04 2.72 -17.45
CA VAL A 113 -3.56 3.22 -18.72
C VAL A 113 -4.22 4.55 -19.04
N ASN A 114 -3.41 5.56 -19.33
CA ASN A 114 -3.96 6.80 -19.82
C ASN A 114 -4.32 6.63 -21.29
N THR A 115 -5.63 6.59 -21.57
CA THR A 115 -6.11 6.21 -22.89
C THR A 115 -5.89 7.29 -23.93
N GLU A 116 -5.75 8.53 -23.47
CA GLU A 116 -5.42 9.63 -24.37
C GLU A 116 -3.97 9.53 -24.82
N ARG A 117 -3.06 9.28 -23.87
CA ARG A 117 -1.67 9.18 -24.24
C ARG A 117 -1.39 7.90 -25.05
N LEU A 118 -2.10 6.82 -24.75
CA LEU A 118 -1.94 5.58 -25.49
C LEU A 118 -2.18 5.80 -26.99
N LYS A 119 -3.19 6.60 -27.31
CA LYS A 119 -3.49 6.88 -28.72
C LYS A 119 -2.32 7.59 -29.40
N LYS A 120 -1.62 8.44 -28.65
CA LYS A 120 -0.45 9.15 -29.18
C LYS A 120 0.70 8.18 -29.48
N LEU A 121 0.72 7.05 -28.78
CA LEU A 121 1.78 6.06 -28.96
C LEU A 121 1.50 5.15 -30.15
N GLY A 122 0.31 5.28 -30.73
CA GLY A 122 -0.07 4.45 -31.85
C GLY A 122 -0.34 3.01 -31.43
N ILE A 123 -0.80 2.84 -30.20
CA ILE A 123 -1.21 1.53 -29.70
C ILE A 123 -2.72 1.49 -29.61
N GLU A 124 -3.33 0.57 -30.34
CA GLU A 124 -4.78 0.53 -30.44
C GLU A 124 -5.44 -0.18 -29.25
N LYS A 125 -4.87 -1.32 -28.88
CA LYS A 125 -5.43 -2.12 -27.78
C LYS A 125 -4.88 -1.69 -26.44
N ILE A 126 -5.78 -1.37 -25.52
CA ILE A 126 -5.39 -1.09 -24.14
C ILE A 126 -4.78 -2.37 -23.55
N PRO A 127 -3.54 -2.27 -23.03
CA PRO A 127 -2.90 -3.44 -22.40
C PRO A 127 -3.82 -4.05 -21.35
N GLN A 128 -3.91 -5.39 -21.33
CA GLN A 128 -4.80 -6.07 -20.38
C GLN A 128 -4.08 -7.06 -19.48
N CYS A 129 -2.83 -7.35 -19.80
CA CYS A 129 -2.04 -8.37 -19.11
CA CYS A 129 -2.09 -8.32 -19.01
C CYS A 129 -0.71 -7.79 -18.67
N TRP A 130 -0.12 -8.33 -17.61
CA TRP A 130 1.21 -7.92 -17.22
C TRP A 130 2.17 -8.01 -18.40
N ASN A 131 2.04 -9.08 -19.18
CA ASN A 131 2.93 -9.33 -20.32
CA ASN A 131 2.98 -9.30 -20.26
C ASN A 131 2.83 -8.27 -21.41
N ASP A 132 1.68 -7.61 -21.49
CA ASP A 132 1.49 -6.56 -22.48
C ASP A 132 2.40 -5.36 -22.22
N LEU A 133 2.87 -5.24 -20.99
CA LEU A 133 3.71 -4.09 -20.63
C LEU A 133 5.14 -4.23 -21.13
N THR A 134 5.48 -5.40 -21.71
CA THR A 134 6.81 -5.60 -22.29
C THR A 134 6.86 -5.23 -23.77
N ASP A 135 5.73 -4.82 -24.30
CA ASP A 135 5.62 -4.33 -25.68
C ASP A 135 6.63 -3.20 -25.90
N PRO A 136 7.54 -3.36 -26.88
CA PRO A 136 8.50 -2.28 -27.14
C PRO A 136 7.86 -0.93 -27.47
N LYS A 137 6.61 -0.93 -27.94
CA LYS A 137 5.93 0.34 -28.22
C LYS A 137 5.71 1.16 -26.94
N LEU A 138 5.84 0.52 -25.79
CA LEU A 138 5.67 1.21 -24.52
C LEU A 138 7.00 1.69 -23.92
N LYS A 139 8.06 1.64 -24.71
CA LYS A 139 9.36 2.12 -24.23
C LYS A 139 9.26 3.55 -23.71
N GLY A 140 9.72 3.78 -22.49
CA GLY A 140 9.71 5.11 -21.91
C GLY A 140 8.33 5.60 -21.48
N GLU A 141 7.36 4.69 -21.41
CA GLU A 141 5.98 5.07 -21.16
C GLU A 141 5.30 4.36 -20.00
N ILE A 142 6.09 3.76 -19.13
CA ILE A 142 5.59 3.05 -17.95
C ILE A 142 6.36 3.52 -16.73
N GLN A 143 5.67 3.66 -15.60
CA GLN A 143 6.31 3.96 -14.33
C GLN A 143 5.83 3.03 -13.24
N ILE A 144 6.76 2.71 -12.34
CA ILE A 144 6.49 1.97 -11.13
C ILE A 144 7.44 2.52 -10.08
N ALA A 145 7.11 2.37 -8.81
CA ALA A 145 8.00 2.82 -7.77
C ALA A 145 9.25 1.93 -7.66
N ASP A 146 10.26 2.45 -6.98
CA ASP A 146 11.57 1.83 -6.83
C ASP A 146 11.59 0.81 -5.70
N PRO A 147 11.88 -0.46 -6.01
CA PRO A 147 11.95 -1.48 -4.95
C PRO A 147 12.90 -1.12 -3.82
N GLN A 148 13.91 -0.29 -4.08
CA GLN A 148 14.83 0.10 -3.01
C GLN A 148 14.20 0.99 -1.96
N SER A 149 13.13 1.69 -2.31
CA SER A 149 12.57 2.69 -1.41
C SER A 149 11.10 2.46 -1.05
N SER A 150 10.35 1.83 -1.93
CA SER A 150 8.89 1.85 -1.84
C SER A 150 8.27 0.52 -1.40
N GLY A 151 7.33 0.61 -0.47
CA GLY A 151 6.54 -0.55 -0.07
C GLY A 151 5.69 -1.08 -1.20
N THR A 152 5.11 -0.19 -1.99
CA THR A 152 4.29 -0.58 -3.14
C THR A 152 5.11 -1.42 -4.10
N ALA A 153 6.34 -0.99 -4.38
CA ALA A 153 7.18 -1.73 -5.29
C ALA A 153 7.57 -3.09 -4.73
N TYR A 154 7.78 -3.16 -3.42
CA TYR A 154 8.05 -4.46 -2.81
C TYR A 154 6.86 -5.40 -2.95
N THR A 155 5.65 -4.87 -2.71
CA THR A 155 4.44 -5.68 -2.88
C THR A 155 4.38 -6.24 -4.30
N ALA A 156 4.78 -5.42 -5.25
CA ALA A 156 4.82 -5.88 -6.64
C ALA A 156 5.79 -7.05 -6.85
N ILE A 157 7.03 -6.91 -6.40
CA ILE A 157 8.02 -8.00 -6.53
CA ILE A 157 8.02 -7.99 -6.53
C ILE A 157 7.53 -9.28 -5.87
N ALA A 158 7.08 -9.15 -4.62
CA ALA A 158 6.61 -10.29 -3.87
C ALA A 158 5.43 -10.93 -4.57
N THR A 159 4.55 -10.10 -5.13
CA THR A 159 3.39 -10.63 -5.84
C THR A 159 3.83 -11.47 -7.05
N PHE A 160 4.70 -10.92 -7.88
CA PHE A 160 5.19 -11.63 -9.04
C PHE A 160 5.90 -12.94 -8.66
N ALA A 161 6.69 -12.90 -7.60
CA ALA A 161 7.37 -14.10 -7.12
C ALA A 161 6.37 -15.19 -6.74
N GLN A 162 5.28 -14.80 -6.07
CA GLN A 162 4.27 -15.76 -5.68
C GLN A 162 3.41 -16.21 -6.87
N LEU A 163 3.16 -15.31 -7.80
CA LEU A 163 2.31 -15.62 -8.94
C LEU A 163 2.98 -16.62 -9.88
N TRP A 164 4.28 -16.41 -10.15
CA TRP A 164 4.96 -17.14 -11.22
C TRP A 164 6.17 -17.93 -10.76
N GLY A 165 6.53 -17.82 -9.49
CA GLY A 165 7.79 -18.35 -9.02
C GLY A 165 8.85 -17.28 -9.20
N GLU A 166 9.88 -17.32 -8.37
CA GLU A 166 10.88 -16.28 -8.38
C GLU A 166 11.63 -16.14 -9.70
N ASP A 167 11.97 -17.26 -10.34
CA ASP A 167 12.74 -17.19 -11.59
C ASP A 167 11.98 -16.43 -12.67
N LYS A 168 10.73 -16.80 -12.91
CA LYS A 168 9.93 -16.14 -13.92
CA LYS A 168 9.89 -16.16 -13.91
C LYS A 168 9.59 -14.71 -13.54
N ALA A 169 9.43 -14.45 -12.25
CA ALA A 169 9.18 -13.08 -11.78
C ALA A 169 10.33 -12.17 -12.19
N PHE A 170 11.56 -12.61 -11.91
CA PHE A 170 12.70 -11.78 -12.29
C PHE A 170 12.93 -11.70 -13.79
N ASP A 171 12.56 -12.76 -14.52
CA ASP A 171 12.56 -12.69 -15.97
C ASP A 171 11.57 -11.62 -16.47
N TYR A 172 10.38 -11.57 -15.85
CA TYR A 172 9.42 -10.54 -16.21
C TYR A 172 9.98 -9.15 -15.94
N PHE A 173 10.54 -9.07 -14.73
CA PHE A 173 11.10 -7.66 -14.44
CA PHE A 173 11.09 -7.78 -14.47
C PHE A 173 12.24 -7.14 -15.46
N LYS A 174 12.94 -8.20 -15.78
CA LYS A 174 14.05 -7.91 -16.83
CA LYS A 174 13.91 -7.93 -16.78
C LYS A 174 13.50 -7.34 -18.26
N HIS A 175 12.29 -7.91 -18.54
CA HIS A 175 11.64 -7.50 -19.79
C HIS A 175 10.72 -6.30 -19.64
N LEU A 176 10.32 -6.02 -18.40
CA LEU A 176 9.57 -4.79 -18.13
C LEU A 176 10.51 -3.58 -18.07
N HIS A 177 11.68 -3.82 -17.49
CA HIS A 177 12.66 -2.78 -17.19
C HIS A 177 12.95 -1.79 -18.32
N PRO A 178 13.18 -2.27 -19.55
CA PRO A 178 13.50 -1.35 -20.64
C PRO A 178 12.39 -0.35 -20.94
N ASN A 179 11.18 -0.62 -20.45
CA ASN A 179 10.06 0.28 -20.72
C ASN A 179 9.78 1.27 -19.59
N ILE A 180 10.47 1.10 -18.47
CA ILE A 180 10.27 1.98 -17.32
C ILE A 180 11.03 3.28 -17.55
N SER A 181 10.33 4.40 -17.56
CA SER A 181 10.98 5.69 -17.73
C SER A 181 11.61 6.19 -16.42
N GLN A 182 10.96 5.89 -15.31
CA GLN A 182 11.41 6.33 -14.00
C GLN A 182 10.94 5.32 -12.96
N TYR A 183 11.85 4.89 -12.09
CA TYR A 183 11.45 4.21 -10.86
C TYR A 183 11.26 5.29 -9.81
N THR A 184 10.03 5.49 -9.38
CA THR A 184 9.69 6.61 -8.51
C THR A 184 9.95 6.29 -7.03
N LYS A 185 10.26 7.32 -6.24
CA LYS A 185 10.50 7.10 -4.82
C LYS A 185 9.19 6.80 -4.09
N SER A 186 8.11 7.46 -4.50
CA SER A 186 6.80 7.23 -3.90
C SER A 186 5.99 6.21 -4.69
N GLY A 187 5.32 5.32 -3.97
CA GLY A 187 4.45 4.33 -4.58
C GLY A 187 3.33 4.96 -5.40
N ILE A 188 2.90 6.16 -5.02
CA ILE A 188 1.75 6.78 -5.68
CA ILE A 188 1.80 6.69 -5.70
C ILE A 188 2.08 7.69 -6.88
N THR A 189 3.36 7.97 -7.09
CA THR A 189 3.73 8.88 -8.16
C THR A 189 3.29 8.39 -9.53
N PRO A 190 3.39 7.07 -9.81
CA PRO A 190 2.92 6.62 -11.13
C PRO A 190 1.43 6.89 -11.36
N ALA A 191 0.62 6.87 -10.32
CA ALA A 191 -0.78 7.22 -10.47
C ALA A 191 -0.96 8.70 -10.80
N ARG A 192 -0.21 9.56 -10.11
CA ARG A 192 -0.26 10.98 -10.39
C ARG A 192 0.16 11.26 -11.84
N ASN A 193 1.24 10.63 -12.26
CA ASN A 193 1.83 10.90 -13.56
C ASN A 193 0.95 10.33 -14.68
N ALA A 194 0.40 9.14 -14.47
CA ALA A 194 -0.49 8.57 -15.48
C ALA A 194 -1.75 9.41 -15.61
N ALA A 195 -2.28 9.86 -14.48
CA ALA A 195 -3.49 10.66 -14.47
C ALA A 195 -3.30 11.93 -15.30
N ARG A 196 -2.15 12.50 -15.11
CA ARG A 196 -1.89 13.87 -15.77
CA ARG A 196 -1.91 13.73 -15.79
C ARG A 196 -1.26 13.77 -17.27
N GLY A 197 -1.12 12.50 -17.62
CA GLY A 197 -0.60 12.26 -18.95
C GLY A 197 0.89 12.45 -19.13
N GLU A 198 1.63 12.40 -18.02
CA GLU A 198 3.09 12.43 -18.08
C GLU A 198 3.72 11.06 -18.36
N THR A 199 2.97 10.00 -18.10
CA THR A 199 3.34 8.65 -18.52
C THR A 199 2.07 7.97 -19.00
N THR A 200 2.21 6.85 -19.70
CA THR A 200 1.04 6.16 -20.26
C THR A 200 0.49 5.09 -19.32
N VAL A 201 1.37 4.34 -18.67
CA VAL A 201 0.95 3.28 -17.76
C VAL A 201 1.61 3.48 -16.41
N GLY A 202 0.81 3.45 -15.35
CA GLY A 202 1.32 3.42 -13.99
C GLY A 202 1.00 2.09 -13.34
N ILE A 203 1.99 1.50 -12.68
CA ILE A 203 1.79 0.28 -11.90
C ILE A 203 1.74 0.63 -10.42
N GLY A 204 0.72 0.15 -9.71
CA GLY A 204 0.61 0.41 -8.28
C GLY A 204 -0.70 -0.15 -7.77
N PHE A 205 -1.28 0.51 -6.78
CA PHE A 205 -2.52 0.00 -6.21
C PHE A 205 -3.70 0.70 -6.84
N LEU A 206 -4.66 -0.11 -7.31
CA LEU A 206 -5.71 0.38 -8.20
C LEU A 206 -6.58 1.48 -7.61
N HIS A 207 -6.82 1.44 -6.30
CA HIS A 207 -7.68 2.48 -5.69
C HIS A 207 -7.13 3.89 -5.93
N ASP A 208 -5.82 4.04 -6.04
CA ASP A 208 -5.24 5.36 -6.29
C ASP A 208 -5.57 5.84 -7.68
N TYR A 209 -5.53 4.93 -8.64
CA TYR A 209 -5.92 5.23 -10.01
C TYR A 209 -7.43 5.44 -10.10
N ALA A 210 -8.18 4.68 -9.30
CA ALA A 210 -9.63 4.83 -9.32
C ALA A 210 -10.05 6.23 -8.91
N LEU A 211 -9.39 6.78 -7.89
CA LEU A 211 -9.72 8.12 -7.43
C LEU A 211 -9.39 9.14 -8.52
N GLU A 212 -8.23 9.01 -9.16
CA GLU A 212 -7.87 9.92 -10.23
C GLU A 212 -8.89 9.85 -11.36
N LYS A 213 -9.32 8.64 -11.69
CA LYS A 213 -10.31 8.43 -12.74
C LYS A 213 -11.62 9.12 -12.39
N GLU A 214 -12.12 8.90 -11.19
CA GLU A 214 -13.39 9.49 -10.81
C GLU A 214 -13.32 11.01 -10.76
N GLN A 215 -12.13 11.54 -10.54
CA GLN A 215 -11.89 12.97 -10.54
C GLN A 215 -11.63 13.55 -11.92
N GLY A 216 -11.67 12.69 -12.94
CA GLY A 216 -11.69 13.15 -14.33
C GLY A 216 -10.57 12.67 -15.24
N ALA A 217 -9.59 11.96 -14.69
CA ALA A 217 -8.46 11.50 -15.50
C ALA A 217 -8.90 10.42 -16.47
N PRO A 218 -8.34 10.43 -17.70
CA PRO A 218 -8.70 9.45 -18.73
C PRO A 218 -7.95 8.14 -18.52
N LEU A 219 -8.29 7.45 -17.43
CA LEU A 219 -7.62 6.21 -17.06
C LEU A 219 -8.51 5.00 -17.18
N GLU A 220 -7.97 3.95 -17.76
CA GLU A 220 -8.58 2.63 -17.72
C GLU A 220 -7.83 1.77 -16.69
N MET A 221 -8.57 1.29 -15.70
CA MET A 221 -7.95 0.43 -14.70
CA MET A 221 -8.07 0.41 -14.65
C MET A 221 -7.90 -1.01 -15.17
N VAL A 222 -6.81 -1.68 -14.84
CA VAL A 222 -6.61 -3.06 -15.28
C VAL A 222 -6.20 -3.95 -14.14
N VAL A 223 -7.02 -4.96 -13.87
CA VAL A 223 -6.62 -6.08 -13.03
C VAL A 223 -6.01 -7.07 -14.01
N PRO A 224 -4.66 -7.17 -14.03
CA PRO A 224 -4.04 -7.89 -15.15
C PRO A 224 -4.50 -9.34 -15.33
N CYS A 225 -4.60 -9.75 -16.58
CA CYS A 225 -5.27 -11.00 -16.92
CA CYS A 225 -5.23 -11.02 -16.97
C CYS A 225 -4.63 -12.27 -16.34
N GLU A 226 -3.33 -12.24 -16.08
CA GLU A 226 -2.67 -13.44 -15.55
C GLU A 226 -3.06 -13.70 -14.10
N GLY A 227 -3.52 -12.66 -13.43
CA GLY A 227 -3.73 -12.67 -11.98
C GLY A 227 -2.85 -11.62 -11.31
N THR A 228 -3.15 -11.34 -10.05
CA THR A 228 -2.42 -10.33 -9.33
C THR A 228 -2.44 -10.58 -7.83
N GLY A 229 -1.90 -9.62 -7.07
CA GLY A 229 -1.83 -9.68 -5.63
C GLY A 229 -2.39 -8.40 -5.03
N TYR A 230 -2.02 -8.14 -3.77
CA TYR A 230 -2.58 -7.02 -3.02
C TYR A 230 -1.67 -6.70 -1.87
N GLU A 231 -1.80 -5.48 -1.36
CA GLU A 231 -1.31 -5.11 -0.04
C GLU A 231 -2.43 -5.26 0.97
N LEU A 232 -2.03 -5.46 2.23
CA LEU A 232 -2.87 -5.05 3.35
C LEU A 232 -2.29 -3.76 3.89
N GLY A 233 -3.16 -2.81 4.22
CA GLY A 233 -2.75 -1.62 4.95
C GLY A 233 -2.63 -2.01 6.42
N GLY A 234 -1.57 -1.53 7.06
CA GLY A 234 -1.36 -1.88 8.46
C GLY A 234 -1.56 -0.75 9.46
N VAL A 235 -1.83 -1.13 10.71
CA VAL A 235 -1.75 -0.20 11.81
C VAL A 235 -0.95 -0.92 12.89
N SER A 236 0.01 -0.21 13.48
CA SER A 236 0.94 -0.79 14.46
C SER A 236 1.34 0.26 15.48
N ILE A 237 1.32 -0.11 16.77
CA ILE A 237 1.84 0.78 17.80
C ILE A 237 3.35 0.63 17.88
N LEU A 238 4.05 1.75 18.04
CA LEU A 238 5.51 1.71 18.17
C LEU A 238 5.95 1.32 19.58
N LYS A 239 6.99 0.50 19.67
CA LYS A 239 7.65 0.29 20.95
C LYS A 239 8.19 1.64 21.40
N GLY A 240 7.96 1.98 22.65
CA GLY A 240 8.40 3.27 23.17
C GLY A 240 7.40 4.39 22.92
N ALA A 241 6.17 4.04 22.56
CA ALA A 241 5.13 5.04 22.37
C ALA A 241 4.93 5.86 23.64
N ARG A 242 4.99 7.17 23.51
CA ARG A 242 4.81 8.08 24.65
C ARG A 242 3.36 8.14 25.10
N ASN A 243 2.43 7.94 24.16
CA ASN A 243 1.00 7.96 24.48
C ASN A 243 0.37 6.61 24.19
N LEU A 244 0.69 5.63 25.02
CA LEU A 244 0.31 4.25 24.75
C LEU A 244 -1.20 4.01 24.80
N ASP A 245 -1.89 4.53 25.80
CA ASP A 245 -3.32 4.34 25.88
C ASP A 245 -4.03 4.94 24.67
N ASN A 246 -3.62 6.14 24.26
CA ASN A 246 -4.25 6.74 23.09
C ASN A 246 -3.92 6.01 21.80
N ALA A 247 -2.73 5.41 21.74
CA ALA A 247 -2.35 4.65 20.56
C ALA A 247 -3.27 3.42 20.44
N LYS A 248 -3.56 2.79 21.58
CA LYS A 248 -4.47 1.65 21.58
C LYS A 248 -5.88 2.06 21.17
N LEU A 249 -6.34 3.21 21.66
CA LEU A 249 -7.64 3.72 21.26
CA LEU A 249 -7.64 3.74 21.25
C LEU A 249 -7.65 3.97 19.76
N PHE A 250 -6.52 4.45 19.24
CA PHE A 250 -6.47 4.69 17.81
C PHE A 250 -6.50 3.40 17.01
N VAL A 251 -5.82 2.37 17.50
CA VAL A 251 -5.89 1.06 16.83
C VAL A 251 -7.36 0.59 16.81
N ASP A 252 -8.05 0.74 17.93
CA ASP A 252 -9.48 0.39 17.99
C ASP A 252 -10.23 1.13 16.89
N PHE A 253 -9.99 2.44 16.82
CA PHE A 253 -10.65 3.28 15.83
C PHE A 253 -10.34 2.83 14.39
N ALA A 254 -9.06 2.62 14.12
CA ALA A 254 -8.59 2.16 12.82
C ALA A 254 -9.22 0.85 12.37
N LEU A 255 -9.57 -0.01 13.32
CA LEU A 255 -10.13 -1.32 13.01
C LEU A 255 -11.65 -1.34 13.12
N SER A 256 -12.24 -0.19 13.48
CA SER A 256 -13.68 -0.10 13.73
C SER A 256 -14.45 0.12 12.44
N LYS A 257 -15.71 -0.24 12.57
CA LYS A 257 -16.62 0.02 11.39
CA LYS A 257 -16.60 0.05 11.46
C LYS A 257 -16.66 1.56 10.82
N GLU A 258 -16.76 2.41 11.88
CA GLU A 258 -16.85 3.80 11.50
C GLU A 258 -15.50 4.41 11.11
N GLY A 259 -14.42 3.94 11.73
CA GLY A 259 -13.09 4.41 11.37
C GLY A 259 -12.69 4.00 9.96
N GLN A 260 -13.11 2.80 9.55
CA GLN A 260 -12.82 2.35 8.20
C GLN A 260 -13.75 3.01 7.19
N GLU A 261 -15.04 3.08 7.52
CA GLU A 261 -15.99 3.70 6.60
C GLU A 261 -15.63 5.14 6.28
N THR A 262 -15.09 5.86 7.26
CA THR A 262 -14.79 7.27 7.02
C THR A 262 -13.68 7.45 5.98
N ALA A 263 -12.83 6.44 5.81
CA ALA A 263 -11.75 6.53 4.84
C ALA A 263 -12.30 6.83 3.43
N TRP A 264 -13.37 6.15 3.04
CA TRP A 264 -13.96 6.44 1.72
C TRP A 264 -15.09 7.47 1.79
N LYS A 265 -15.79 7.41 2.91
CA LYS A 265 -16.92 8.47 3.00
CA LYS A 265 -16.87 8.39 3.03
C LYS A 265 -16.42 10.00 3.07
N LYS A 266 -15.32 10.18 3.74
CA LYS A 266 -14.77 11.51 3.93
C LYS A 266 -13.30 11.64 3.58
N GLY A 267 -12.56 10.55 3.63
CA GLY A 267 -11.10 10.59 3.47
C GLY A 267 -10.57 10.39 2.06
N GLN A 268 -11.48 10.31 1.09
CA GLN A 268 -11.12 10.18 -0.32
CA GLN A 268 -11.09 10.19 -0.31
C GLN A 268 -10.10 9.07 -0.56
N ALA A 269 -10.34 7.92 0.06
CA ALA A 269 -9.46 6.76 -0.06
C ALA A 269 -10.32 5.56 -0.34
N LEU A 270 -10.04 4.88 -1.45
CA LEU A 270 -10.95 3.89 -2.00
C LEU A 270 -10.48 2.44 -1.86
N GLN A 271 -9.65 2.16 -0.86
CA GLN A 271 -9.27 0.79 -0.56
C GLN A 271 -10.47 0.00 -0.11
N THR A 272 -10.35 -1.32 -0.21
CA THR A 272 -11.34 -2.22 0.31
C THR A 272 -11.14 -2.39 1.81
N LEU A 273 -12.22 -2.34 2.57
CA LEU A 273 -12.14 -2.36 4.04
C LEU A 273 -12.05 -3.79 4.57
N THR A 274 -11.27 -3.97 5.65
CA THR A 274 -11.08 -5.30 6.23
C THR A 274 -12.11 -5.64 7.30
N ASN A 275 -12.82 -4.65 7.81
CA ASN A 275 -13.84 -4.92 8.81
C ASN A 275 -15.09 -5.45 8.10
N THR A 276 -15.51 -6.66 8.45
CA THR A 276 -16.59 -7.34 7.74
C THR A 276 -17.96 -6.70 7.97
N THR A 277 -18.05 -5.78 8.92
CA THR A 277 -19.32 -5.12 9.22
C THR A 277 -19.41 -3.76 8.57
N ALA A 278 -18.33 -3.34 7.92
CA ALA A 278 -18.30 -2.03 7.28
C ALA A 278 -18.90 -2.03 5.88
N GLU A 279 -19.61 -0.95 5.54
CA GLU A 279 -20.04 -0.73 4.17
C GLU A 279 -18.83 -0.33 3.33
N GLN A 280 -18.73 -0.95 2.16
CA GLN A 280 -17.62 -0.67 1.24
C GLN A 280 -18.00 0.48 0.32
N SER A 281 -17.01 1.24 -0.13
CA SER A 281 -17.24 2.19 -1.21
C SER A 281 -17.77 1.46 -2.45
N PRO A 282 -18.72 2.06 -3.17
CA PRO A 282 -19.15 1.49 -4.46
C PRO A 282 -17.99 1.41 -5.46
N LEU A 283 -16.91 2.14 -5.22
CA LEU A 283 -15.76 2.14 -6.12
C LEU A 283 -14.65 1.20 -5.64
N ALA A 284 -14.83 0.54 -4.49
CA ALA A 284 -13.83 -0.37 -3.96
C ALA A 284 -13.90 -1.71 -4.68
N PHE A 285 -12.75 -2.36 -4.79
CA PHE A 285 -12.69 -3.67 -5.42
C PHE A 285 -13.27 -4.74 -4.50
N ASP A 286 -13.97 -5.69 -5.11
CA ASP A 286 -14.52 -6.85 -4.44
C ASP A 286 -13.56 -8.03 -4.65
N LEU A 287 -12.89 -8.46 -3.58
CA LEU A 287 -11.88 -9.52 -3.70
C LEU A 287 -12.45 -10.81 -4.28
N THR A 288 -13.73 -11.06 -4.04
CA THR A 288 -14.35 -12.30 -4.50
C THR A 288 -14.48 -12.36 -6.02
N LYS A 289 -14.30 -11.24 -6.66
CA LYS A 289 -14.45 -11.16 -8.09
C LYS A 289 -13.11 -11.23 -8.85
N LEU A 290 -12.01 -11.31 -8.09
CA LEU A 290 -10.69 -11.11 -8.68
C LEU A 290 -9.79 -12.33 -8.65
N LYS A 291 -8.92 -12.44 -9.65
CA LYS A 291 -7.90 -13.48 -9.72
C LYS A 291 -6.71 -13.07 -8.83
N LEU A 292 -6.76 -13.44 -7.55
CA LEU A 292 -5.74 -13.05 -6.58
C LEU A 292 -4.98 -14.23 -6.01
N ILE A 293 -3.66 -14.08 -5.91
CA ILE A 293 -2.85 -14.99 -5.11
C ILE A 293 -3.25 -14.89 -3.64
N ASP A 294 -2.80 -15.87 -2.85
CA ASP A 294 -2.91 -15.82 -1.40
C ASP A 294 -1.59 -15.27 -0.90
N TYR A 295 -1.56 -13.97 -0.62
CA TYR A 295 -0.30 -13.30 -0.33
C TYR A 295 0.23 -13.72 1.03
N ASP A 296 1.46 -14.21 1.05
CA ASP A 296 2.07 -14.75 2.26
C ASP A 296 2.82 -13.65 3.00
N PHE A 297 2.11 -12.95 3.89
CA PHE A 297 2.75 -11.86 4.64
C PHE A 297 3.77 -12.35 5.64
N GLU A 298 3.57 -13.57 6.14
CA GLU A 298 4.54 -14.15 7.08
C GLU A 298 5.90 -14.30 6.43
N LYS A 299 5.92 -14.70 5.16
CA LYS A 299 7.17 -14.90 4.43
C LYS A 299 7.76 -13.59 3.92
N TYR A 300 6.94 -12.77 3.31
CA TYR A 300 7.43 -11.54 2.68
C TYR A 300 7.56 -10.38 3.65
N GLY A 301 6.83 -10.43 4.76
CA GLY A 301 6.96 -9.43 5.80
C GLY A 301 8.06 -9.76 6.78
N ALA A 302 9.24 -10.09 6.24
CA ALA A 302 10.36 -10.49 7.08
C ALA A 302 11.60 -9.77 6.57
N SER A 303 12.50 -9.44 7.49
CA SER A 303 13.66 -8.62 7.16
C SER A 303 14.61 -9.29 6.17
N ASP A 304 14.95 -10.55 6.43
CA ASP A 304 15.88 -11.26 5.54
C ASP A 304 15.33 -11.36 4.13
N GLU A 305 14.06 -11.73 3.99
CA GLU A 305 13.46 -11.91 2.68
C GLU A 305 13.30 -10.58 1.95
N ARG A 306 12.88 -9.54 2.65
CA ARG A 306 12.75 -8.24 2.00
C ARG A 306 14.10 -7.73 1.51
N LYS A 307 15.12 -7.81 2.36
CA LYS A 307 16.45 -7.38 1.96
C LYS A 307 16.96 -8.21 0.79
N ARG A 308 16.73 -9.52 0.84
CA ARG A 308 17.19 -10.43 -0.19
C ARG A 308 16.58 -10.08 -1.54
N LEU A 309 15.26 -9.90 -1.58
CA LEU A 309 14.58 -9.63 -2.83
C LEU A 309 14.94 -8.26 -3.40
N ILE A 310 15.04 -7.26 -2.55
CA ILE A 310 15.42 -5.93 -3.01
C ILE A 310 16.84 -5.99 -3.59
N ASN A 311 17.74 -6.64 -2.86
CA ASN A 311 19.11 -6.82 -3.32
C ASN A 311 19.19 -7.51 -4.68
N LYS A 312 18.38 -8.55 -4.85
CA LYS A 312 18.37 -9.28 -6.09
C LYS A 312 17.85 -8.41 -7.22
N TRP A 313 16.86 -7.59 -6.93
CA TRP A 313 16.36 -6.67 -7.93
C TRP A 313 17.44 -5.69 -8.38
N VAL A 314 18.19 -5.14 -7.42
CA VAL A 314 19.23 -4.19 -7.77
C VAL A 314 20.31 -4.84 -8.63
N ASP A 315 20.76 -6.02 -8.22
CA ASP A 315 21.78 -6.75 -8.97
C ASP A 315 21.30 -7.21 -10.34
N GLU A 316 20.15 -7.86 -10.39
CA GLU A 316 19.75 -8.58 -11.60
C GLU A 316 18.97 -7.72 -12.60
N ILE A 317 18.31 -6.68 -12.11
CA ILE A 317 17.48 -5.87 -12.99
C ILE A 317 18.11 -4.51 -13.22
N LYS A 318 18.45 -3.81 -12.14
CA LYS A 318 19.01 -2.46 -12.27
C LYS A 318 20.43 -2.44 -12.82
N LEU A 319 21.29 -3.36 -12.39
CA LEU A 319 22.72 -3.29 -12.71
C LEU A 319 23.24 -4.34 -13.68
N ALA A 320 22.51 -5.43 -13.85
CA ALA A 320 22.98 -6.51 -14.70
C ALA A 320 23.35 -5.99 -16.08
#